data_5GNJ
#
_entry.id   5GNJ
#
_cell.length_a   77.100
_cell.length_b   79.700
_cell.length_c   102.800
_cell.angle_alpha   90.000
_cell.angle_beta   105.000
_cell.angle_gamma   90.000
#
_symmetry.space_group_name_H-M   'P 1 21 1'
#
loop_
_entity.id
_entity.type
_entity.pdbx_description
1 polymer 'Transcription factor MYC2'
2 polymer "DNA (5'-D(*AP*GP*GP*AP*AP*CP*AP*CP*GP*TP*GP*AP*CP*CP*C)-3')"
3 polymer "DNA (5'-D(*TP*GP*GP*GP*TP*CP*AP*CP*GP*TP*GP*TP*TP*CP*C)-3')"
4 water water
#
loop_
_entity_poly.entity_id
_entity_poly.type
_entity_poly.pdbx_seq_one_letter_code
_entity_poly.pdbx_strand_id
1 'polypeptide(L)'
;MGREEPLNHVEAERQRREKLNQRFYALRAVVPNVSKMDKASLLGDAIAYINELKSKVVKTESEKLQIKNQLEEVKLELAG
RLEHHHHHH
;
G,I,A,B,E,F,M,N
2 'polydeoxyribonucleotide' (DA)(DG)(DG)(DA)(DA)(DC)(DA)(DC)(DG)(DT)(DG)(DA)(DC)(DC)(DC) K,C,H,O
3 'polydeoxyribonucleotide' (DT)(DG)(DG)(DG)(DT)(DC)(DA)(DC)(DG)(DT)(DG)(DT)(DT)(DC)(DC) L,D,J,P
#
loop_
_chem_comp.id
_chem_comp.type
_chem_comp.name
_chem_comp.formula
DA DNA linking 2'-DEOXYADENOSINE-5'-MONOPHOSPHATE 'C10 H14 N5 O6 P'
DC DNA linking 2'-DEOXYCYTIDINE-5'-MONOPHOSPHATE 'C9 H14 N3 O7 P'
DG DNA linking 2'-DEOXYGUANOSINE-5'-MONOPHOSPHATE 'C10 H14 N5 O7 P'
DT DNA linking THYMIDINE-5'-MONOPHOSPHATE 'C10 H15 N2 O8 P'
#
# COMPACT_ATOMS: atom_id res chain seq x y z
N ASN A 8 23.42 25.82 -9.80
CA ASN A 8 23.02 27.16 -10.19
C ASN A 8 24.13 27.69 -11.07
N HIS A 9 24.10 27.33 -12.36
CA HIS A 9 23.22 26.30 -12.96
C HIS A 9 23.95 24.98 -13.22
N VAL A 10 25.28 25.05 -13.34
CA VAL A 10 26.06 23.84 -13.51
C VAL A 10 26.04 23.02 -12.24
N GLU A 11 26.16 23.72 -11.13
CA GLU A 11 26.19 23.11 -9.81
C GLU A 11 24.85 22.46 -9.42
N ALA A 12 23.74 23.09 -9.81
CA ALA A 12 22.42 22.55 -9.52
C ALA A 12 22.23 21.21 -10.23
N GLU A 13 22.76 21.11 -11.44
CA GLU A 13 22.63 19.89 -12.23
C GLU A 13 23.47 18.77 -11.68
N ARG A 14 24.61 19.11 -11.07
CA ARG A 14 25.44 18.06 -10.46
C ARG A 14 24.73 17.46 -9.26
N GLN A 15 23.93 18.26 -8.56
CA GLN A 15 23.25 17.78 -7.38
C GLN A 15 22.12 16.83 -7.72
N ARG A 16 21.40 17.13 -8.78
CA ARG A 16 20.35 16.24 -9.27
C ARG A 16 20.96 14.92 -9.79
N ARG A 17 22.06 15.02 -10.53
CA ARG A 17 22.66 13.84 -11.11
C ARG A 17 23.19 12.90 -10.03
N GLU A 18 23.72 13.50 -8.96
CA GLU A 18 24.32 12.77 -7.82
C GLU A 18 23.28 12.07 -6.95
N LYS A 19 22.12 12.72 -6.76
CA LYS A 19 21.01 12.18 -6.02
C LYS A 19 20.50 10.89 -6.69
N LEU A 20 20.51 10.88 -8.01
CA LEU A 20 20.05 9.77 -8.82
C LEU A 20 21.02 8.60 -8.78
N ASN A 21 22.29 8.91 -8.94
CA ASN A 21 23.33 7.91 -8.95
C ASN A 21 23.51 7.17 -7.61
N GLN A 22 23.19 7.84 -6.53
CA GLN A 22 23.23 7.26 -5.22
C GLN A 22 22.17 6.21 -5.14
N ARG A 23 21.02 6.51 -5.66
CA ARG A 23 19.89 5.57 -5.62
C ARG A 23 20.04 4.37 -6.55
N PHE A 24 20.71 4.53 -7.68
CA PHE A 24 20.95 3.35 -8.53
C PHE A 24 21.78 2.33 -7.81
N TYR A 25 22.82 2.81 -7.14
CA TYR A 25 23.74 1.93 -6.42
C TYR A 25 23.04 1.20 -5.26
N ALA A 26 22.16 1.89 -4.53
CA ALA A 26 21.42 1.23 -3.46
C ALA A 26 20.52 0.15 -4.03
N LEU A 27 19.99 0.39 -5.23
CA LEU A 27 19.12 -0.58 -5.88
C LEU A 27 19.86 -1.90 -6.09
N ARG A 28 21.13 -1.83 -6.47
CA ARG A 28 21.96 -3.06 -6.64
C ARG A 28 22.14 -3.79 -5.32
N ALA A 29 22.05 -3.08 -4.20
CA ALA A 29 22.34 -3.65 -2.88
C ALA A 29 21.13 -4.34 -2.27
N VAL A 30 19.94 -4.20 -2.86
CA VAL A 30 18.76 -4.89 -2.32
C VAL A 30 18.21 -6.00 -3.24
N VAL A 31 18.59 -5.99 -4.53
CA VAL A 31 18.25 -7.05 -5.47
C VAL A 31 19.40 -8.08 -5.73
N PRO A 32 19.13 -9.40 -5.65
CA PRO A 32 20.17 -10.43 -5.80
C PRO A 32 20.67 -10.64 -7.25
N ASN A 33 21.98 -10.85 -7.45
CA ASN A 33 22.57 -11.18 -8.76
C ASN A 33 22.60 -10.06 -9.80
N VAL A 34 22.75 -8.81 -9.39
CA VAL A 34 22.68 -7.76 -10.41
C VAL A 34 23.86 -6.78 -10.36
N SER A 35 25.06 -7.27 -10.66
CA SER A 35 26.29 -6.68 -10.13
C SER A 35 27.00 -5.86 -11.19
N LYS A 36 27.24 -6.47 -12.35
CA LYS A 36 27.92 -5.77 -13.42
C LYS A 36 26.94 -5.45 -14.56
N MET A 37 25.67 -5.23 -14.22
CA MET A 37 24.68 -4.98 -15.25
C MET A 37 24.44 -3.52 -15.59
N ASP A 38 23.83 -3.37 -16.75
CA ASP A 38 23.39 -2.13 -17.34
C ASP A 38 22.38 -1.47 -16.43
N LYS A 39 22.24 -0.16 -16.53
CA LYS A 39 21.24 0.55 -15.74
C LYS A 39 19.80 0.09 -16.13
N ALA A 40 19.57 -0.10 -17.41
CA ALA A 40 18.27 -0.56 -17.89
C ALA A 40 17.93 -1.99 -17.48
N SER A 41 18.87 -2.92 -17.64
CA SER A 41 18.64 -4.30 -17.21
C SER A 41 18.44 -4.35 -15.71
N LEU A 42 19.07 -3.41 -15.00
CA LEU A 42 18.92 -3.35 -13.57
C LEU A 42 17.49 -3.06 -13.21
N LEU A 43 16.91 -2.07 -13.84
CA LEU A 43 15.51 -1.72 -13.59
C LEU A 43 14.59 -2.87 -14.02
N GLY A 44 14.91 -3.50 -15.15
CA GLY A 44 14.12 -4.64 -15.59
C GLY A 44 14.09 -5.78 -14.59
N ASP A 45 15.24 -6.12 -14.01
CA ASP A 45 15.29 -7.22 -13.05
C ASP A 45 14.68 -6.81 -11.71
N ALA A 46 14.73 -5.52 -11.40
CA ALA A 46 14.08 -5.04 -10.19
C ALA A 46 12.57 -5.28 -10.33
N ILE A 47 12.03 -4.98 -11.51
CA ILE A 47 10.62 -5.26 -11.78
C ILE A 47 10.32 -6.76 -11.71
N ALA A 48 11.15 -7.57 -12.35
CA ALA A 48 10.96 -9.02 -12.26
C ALA A 48 11.01 -9.52 -10.81
N TYR A 49 11.92 -8.97 -10.01
CA TYR A 49 12.08 -9.41 -8.64
C TYR A 49 10.89 -9.01 -7.80
N ILE A 50 10.33 -7.82 -8.05
CA ILE A 50 9.14 -7.35 -7.31
C ILE A 50 7.98 -8.29 -7.60
N ASN A 51 7.83 -8.69 -8.86
CA ASN A 51 6.83 -9.69 -9.22
C ASN A 51 7.05 -11.09 -8.56
N GLU A 52 8.27 -11.61 -8.55
CA GLU A 52 8.53 -12.90 -7.90
C GLU A 52 8.20 -12.85 -6.42
N LEU A 53 8.44 -11.69 -5.83
CA LEU A 53 8.31 -11.47 -4.40
C LEU A 53 6.85 -11.43 -3.92
N LYS A 54 5.97 -10.75 -4.66
CA LYS A 54 4.56 -10.73 -4.29
C LYS A 54 3.93 -12.09 -4.49
N SER A 55 4.37 -12.73 -5.56
CA SER A 55 3.91 -14.06 -5.92
C SER A 55 4.16 -15.09 -4.81
N LYS A 56 5.30 -15.01 -4.16
CA LYS A 56 5.62 -15.96 -3.10
C LYS A 56 4.77 -15.66 -1.85
N VAL A 57 4.53 -14.38 -1.58
CA VAL A 57 3.70 -13.99 -0.43
C VAL A 57 2.33 -14.64 -0.51
N VAL A 58 1.73 -14.62 -1.70
CA VAL A 58 0.41 -15.18 -1.95
C VAL A 58 0.38 -16.70 -1.75
N LYS A 59 1.39 -17.36 -2.30
CA LYS A 59 1.47 -18.81 -2.26
C LYS A 59 1.73 -19.33 -0.87
N THR A 60 2.57 -18.62 -0.12
CA THR A 60 2.91 -19.09 1.21
C THR A 60 1.70 -18.89 2.12
N GLU A 61 0.98 -17.78 1.94
CA GLU A 61 -0.19 -17.49 2.78
C GLU A 61 -1.31 -18.48 2.52
N SER A 62 -1.34 -19.03 1.31
CA SER A 62 -2.30 -20.06 0.93
C SER A 62 -2.04 -21.36 1.66
N GLU A 63 -0.77 -21.75 1.69
CA GLU A 63 -0.30 -22.93 2.35
C GLU A 63 -0.53 -22.88 3.87
N LYS A 64 -0.38 -21.68 4.42
CA LYS A 64 -0.55 -21.45 5.85
C LYS A 64 -1.99 -21.69 6.28
N LEU A 65 -2.94 -21.20 5.47
CA LEU A 65 -4.35 -21.39 5.78
C LEU A 65 -4.74 -22.88 5.78
N GLN A 66 -4.19 -23.62 4.83
CA GLN A 66 -4.52 -25.04 4.68
C GLN A 66 -4.14 -25.77 5.97
N ILE A 67 -3.02 -25.36 6.56
CA ILE A 67 -2.50 -25.88 7.82
C ILE A 67 -3.28 -25.41 9.07
N LYS A 68 -3.80 -24.18 9.03
CA LYS A 68 -4.62 -23.62 10.11
C LYS A 68 -6.00 -24.27 10.21
N ASN A 69 -6.53 -24.72 9.08
CA ASN A 69 -7.79 -25.44 9.06
C ASN A 69 -7.61 -26.83 9.65
N GLN A 70 -6.45 -27.41 9.35
CA GLN A 70 -6.13 -28.74 9.81
C GLN A 70 -5.93 -28.74 11.30
N LEU A 71 -5.36 -27.64 11.79
CA LEU A 71 -5.12 -27.54 13.22
C LEU A 71 -6.44 -27.49 13.96
N GLU A 72 -7.40 -26.73 13.44
CA GLU A 72 -8.63 -26.63 14.19
C GLU A 72 -9.42 -27.92 14.20
N GLU A 73 -9.32 -28.74 13.15
CA GLU A 73 -10.01 -30.02 13.19
C GLU A 73 -9.53 -30.96 14.31
N VAL A 74 -8.22 -31.11 14.48
CA VAL A 74 -7.73 -32.04 15.51
C VAL A 74 -8.00 -31.46 16.90
N LYS A 75 -8.00 -30.13 17.04
CA LYS A 75 -8.38 -29.52 18.31
C LYS A 75 -9.80 -29.99 18.70
N LEU A 76 -10.69 -30.06 17.72
CA LEU A 76 -12.05 -30.51 17.95
C LEU A 76 -12.14 -32.00 18.35
N GLU A 77 -11.36 -32.86 17.71
CA GLU A 77 -11.30 -34.29 18.06
C GLU A 77 -10.72 -34.52 19.45
N LEU A 78 -9.75 -33.69 19.81
CA LEU A 78 -9.14 -33.75 21.13
C LEU A 78 -10.11 -33.43 22.25
N ALA A 79 -11.00 -32.46 22.03
CA ALA A 79 -11.93 -32.06 23.08
C ALA A 79 -13.22 -32.86 23.14
N GLY A 80 -13.27 -34.03 22.51
CA GLY A 80 -14.46 -34.85 22.55
C GLY A 80 -14.20 -36.24 23.10
N GLU B 5 29.86 13.90 -40.31
CA GLU B 5 28.91 13.87 -39.18
C GLU B 5 29.04 12.61 -38.30
N PRO B 6 29.34 12.80 -37.01
CA PRO B 6 29.44 11.68 -36.07
C PRO B 6 28.06 11.16 -35.63
N LEU B 7 27.13 10.97 -36.57
CA LEU B 7 25.73 10.75 -36.24
C LEU B 7 25.37 9.50 -35.47
N ASN B 8 25.91 8.34 -35.84
CA ASN B 8 25.56 7.11 -35.11
C ASN B 8 25.88 7.13 -33.61
N HIS B 9 26.50 8.19 -33.10
CA HIS B 9 26.81 8.26 -31.68
C HIS B 9 25.72 9.04 -31.02
N VAL B 10 25.15 9.98 -31.79
CA VAL B 10 24.02 10.76 -31.35
C VAL B 10 22.75 9.92 -31.28
N GLU B 11 22.53 9.08 -32.29
CA GLU B 11 21.37 8.20 -32.31
C GLU B 11 21.44 7.08 -31.27
N ALA B 12 22.62 6.49 -31.10
CA ALA B 12 22.79 5.42 -30.13
C ALA B 12 22.48 5.97 -28.75
N GLU B 13 22.87 7.23 -28.51
CA GLU B 13 22.57 7.84 -27.21
C GLU B 13 21.08 8.04 -27.06
N ARG B 14 20.40 8.31 -28.17
CA ARG B 14 18.96 8.54 -28.12
C ARG B 14 18.21 7.25 -27.75
N GLN B 15 18.67 6.10 -28.22
CA GLN B 15 17.99 4.82 -27.93
C GLN B 15 18.17 4.39 -26.48
N ARG B 16 19.34 4.66 -25.94
CA ARG B 16 19.62 4.28 -24.58
C ARG B 16 18.68 5.06 -23.68
N ARG B 17 18.54 6.32 -24.04
CA ARG B 17 17.82 7.26 -23.22
C ARG B 17 16.34 6.84 -23.29
N GLU B 18 15.93 6.30 -24.44
CA GLU B 18 14.57 5.83 -24.64
C GLU B 18 14.28 4.51 -23.88
N LYS B 19 15.24 3.59 -23.93
CA LYS B 19 15.08 2.32 -23.25
C LYS B 19 14.93 2.49 -21.74
N LEU B 20 15.66 3.43 -21.16
CA LEU B 20 15.61 3.68 -19.73
C LEU B 20 14.26 4.30 -19.36
N ASN B 21 13.81 5.31 -20.09
CA ASN B 21 12.51 5.92 -19.84
C ASN B 21 11.38 4.89 -20.01
N GLN B 22 11.56 3.91 -20.89
CA GLN B 22 10.57 2.87 -21.01
C GLN B 22 10.54 2.07 -19.71
N ARG B 23 11.72 1.80 -19.14
CA ARG B 23 11.81 1.01 -17.91
C ARG B 23 11.22 1.74 -16.73
N PHE B 24 11.42 3.06 -16.69
CA PHE B 24 10.85 3.84 -15.60
C PHE B 24 9.34 3.72 -15.55
N TYR B 25 8.69 3.79 -16.71
CA TYR B 25 7.24 3.69 -16.72
C TYR B 25 6.78 2.31 -16.20
N ALA B 26 7.49 1.25 -16.57
CA ALA B 26 7.12 -0.08 -16.08
C ALA B 26 7.31 -0.15 -14.56
N LEU B 27 8.33 0.53 -14.05
CA LEU B 27 8.54 0.61 -12.60
C LEU B 27 7.38 1.33 -11.95
N ARG B 28 6.91 2.42 -12.55
CA ARG B 28 5.81 3.15 -11.96
C ARG B 28 4.51 2.31 -11.89
N ALA B 29 4.38 1.30 -12.73
CA ALA B 29 3.14 0.55 -12.83
C ALA B 29 3.05 -0.55 -11.80
N VAL B 30 4.15 -0.86 -11.14
CA VAL B 30 4.14 -1.92 -10.15
C VAL B 30 4.40 -1.41 -8.73
N VAL B 31 4.92 -0.20 -8.60
CA VAL B 31 5.13 0.32 -7.26
C VAL B 31 3.97 1.19 -6.78
N PRO B 32 3.39 0.82 -5.64
CA PRO B 32 2.18 1.47 -5.15
C PRO B 32 2.46 2.79 -4.43
N ASN B 33 1.52 3.73 -4.56
CA ASN B 33 1.54 5.05 -3.91
C ASN B 33 2.67 6.07 -4.06
N VAL B 34 3.23 6.21 -5.25
CA VAL B 34 4.29 7.19 -5.45
C VAL B 34 3.68 8.55 -5.75
N SER B 35 4.09 9.59 -5.03
CA SER B 35 3.47 10.89 -5.29
C SER B 35 4.31 12.09 -5.70
N LYS B 36 5.61 12.03 -5.47
CA LYS B 36 6.47 13.10 -5.93
C LYS B 36 6.65 12.46 -7.28
N MET B 37 6.57 13.24 -8.34
CA MET B 37 6.68 12.66 -9.66
C MET B 37 8.08 12.58 -10.22
N ASP B 38 9.07 12.97 -9.44
CA ASP B 38 10.47 12.97 -9.92
C ASP B 38 11.10 11.55 -9.99
N LYS B 39 12.11 11.37 -10.85
CA LYS B 39 12.78 10.06 -11.02
C LYS B 39 13.53 9.56 -9.77
N ALA B 40 14.22 10.47 -9.08
CA ALA B 40 14.96 10.07 -7.89
C ALA B 40 13.99 9.58 -6.83
N SER B 41 12.89 10.30 -6.66
CA SER B 41 11.86 9.88 -5.70
C SER B 41 11.26 8.53 -6.11
N LEU B 42 11.17 8.26 -7.41
CA LEU B 42 10.60 6.99 -7.84
C LEU B 42 11.46 5.83 -7.35
N LEU B 43 12.76 5.94 -7.59
CA LEU B 43 13.69 4.88 -7.21
C LEU B 43 13.74 4.72 -5.69
N GLY B 44 13.68 5.83 -4.98
CA GLY B 44 13.67 5.77 -3.54
C GLY B 44 12.52 4.95 -2.98
N ASP B 45 11.33 5.10 -3.54
CA ASP B 45 10.14 4.39 -3.04
C ASP B 45 10.19 2.93 -3.47
N ALA B 46 10.82 2.69 -4.61
CA ALA B 46 11.04 1.34 -5.12
C ALA B 46 11.94 0.52 -4.18
N ILE B 47 13.04 1.12 -3.75
CA ILE B 47 13.92 0.46 -2.81
C ILE B 47 13.19 0.08 -1.51
N ALA B 48 12.46 1.03 -0.92
CA ALA B 48 11.65 0.78 0.27
C ALA B 48 10.60 -0.31 0.04
N TYR B 49 9.99 -0.35 -1.15
CA TYR B 49 8.94 -1.33 -1.38
C TYR B 49 9.55 -2.74 -1.42
N ILE B 50 10.70 -2.86 -2.05
CA ILE B 50 11.39 -4.13 -2.10
C ILE B 50 11.78 -4.64 -0.70
N ASN B 51 12.32 -3.78 0.16
CA ASN B 51 12.66 -4.23 1.52
C ASN B 51 11.44 -4.77 2.26
N GLU B 52 10.34 -4.04 2.17
CA GLU B 52 9.11 -4.44 2.83
C GLU B 52 8.58 -5.81 2.34
N LEU B 53 8.74 -6.08 1.04
CA LEU B 53 8.22 -7.33 0.51
C LEU B 53 9.04 -8.56 0.95
N LYS B 54 10.38 -8.47 0.93
CA LYS B 54 11.20 -9.59 1.37
C LYS B 54 11.05 -9.80 2.86
N SER B 55 10.85 -8.71 3.59
CA SER B 55 10.59 -8.83 5.00
C SER B 55 9.31 -9.68 5.22
N LYS B 56 8.28 -9.46 4.40
CA LYS B 56 7.03 -10.21 4.58
C LYS B 56 7.14 -11.69 4.20
N VAL B 57 7.89 -12.00 3.14
CA VAL B 57 8.12 -13.38 2.70
C VAL B 57 8.77 -14.21 3.83
N VAL B 58 9.75 -13.60 4.50
CA VAL B 58 10.44 -14.22 5.61
C VAL B 58 9.47 -14.45 6.80
N LYS B 59 8.61 -13.48 7.15
CA LYS B 59 7.71 -13.69 8.30
C LYS B 59 6.62 -14.74 7.99
N THR B 60 6.12 -14.75 6.76
CA THR B 60 5.05 -15.68 6.44
C THR B 60 5.57 -17.13 6.39
N GLU B 61 6.74 -17.38 5.81
CA GLU B 61 7.25 -18.77 5.70
C GLU B 61 7.65 -19.30 7.05
N SER B 62 8.00 -18.37 7.94
CA SER B 62 8.29 -18.74 9.31
C SER B 62 6.99 -19.04 10.09
N GLU B 63 5.95 -18.22 9.93
CA GLU B 63 4.68 -18.47 10.64
C GLU B 63 4.10 -19.83 10.26
N LYS B 64 4.27 -20.21 8.99
CA LYS B 64 3.78 -21.48 8.49
C LYS B 64 4.47 -22.70 9.15
N LEU B 65 5.79 -22.63 9.32
CA LEU B 65 6.54 -23.72 9.95
C LEU B 65 6.16 -23.94 11.42
N GLN B 66 5.97 -22.81 12.09
CA GLN B 66 5.55 -22.69 13.48
C GLN B 66 4.17 -23.28 13.79
N ILE B 67 3.21 -23.03 12.90
CA ILE B 67 1.86 -23.59 13.05
C ILE B 67 1.90 -25.09 12.71
N LYS B 68 2.87 -25.48 11.89
CA LYS B 68 3.05 -26.87 11.55
C LYS B 68 3.51 -27.64 12.81
N ASN B 69 4.19 -26.95 13.73
CA ASN B 69 4.54 -27.57 14.98
C ASN B 69 3.38 -27.79 15.93
N GLN B 70 2.45 -26.84 15.99
CA GLN B 70 1.34 -27.02 16.92
C GLN B 70 0.47 -28.17 16.46
N LEU B 71 0.30 -28.28 15.14
CA LEU B 71 -0.52 -29.34 14.58
C LEU B 71 0.07 -30.70 14.94
N GLU B 72 1.40 -30.76 14.92
CA GLU B 72 2.08 -32.00 15.19
C GLU B 72 2.02 -32.34 16.69
N GLU B 73 2.05 -31.30 17.52
CA GLU B 73 1.95 -31.45 18.97
C GLU B 73 0.58 -32.00 19.38
N VAL B 74 -0.47 -31.48 18.77
CA VAL B 74 -1.82 -31.90 19.11
C VAL B 74 -2.13 -33.32 18.62
N LYS B 75 -1.58 -33.72 17.46
CA LYS B 75 -1.73 -35.12 17.01
C LYS B 75 -1.14 -36.09 18.01
N LEU B 76 -0.01 -35.71 18.59
CA LEU B 76 0.68 -36.50 19.60
C LEU B 76 -0.12 -36.60 20.90
N GLU B 77 -0.75 -35.50 21.30
CA GLU B 77 -1.60 -35.49 22.51
C GLU B 77 -2.79 -36.42 22.25
N LEU B 78 -3.21 -36.46 21.00
CA LEU B 78 -4.22 -37.38 20.56
C LEU B 78 -3.60 -38.78 20.66
N ALA B 79 -4.11 -39.59 21.58
CA ALA B 79 -3.57 -40.93 21.85
C ALA B 79 -2.17 -40.85 22.46
N ASN E 8 3.88 39.05 12.59
CA ASN E 8 4.67 38.14 11.74
C ASN E 8 3.80 37.05 11.13
N HIS E 9 3.53 36.04 11.95
CA HIS E 9 2.87 34.81 11.56
C HIS E 9 1.40 34.67 11.99
N VAL E 10 0.67 35.76 12.22
CA VAL E 10 -0.76 35.62 12.51
C VAL E 10 -1.50 35.10 11.29
N GLU E 11 -1.14 35.61 10.11
CA GLU E 11 -1.73 35.15 8.86
C GLU E 11 -1.33 33.70 8.55
N ALA E 12 -0.10 33.36 8.88
CA ALA E 12 0.41 32.02 8.64
C ALA E 12 -0.37 30.97 9.44
N GLU E 13 -0.72 31.30 10.68
CA GLU E 13 -1.48 30.36 11.52
C GLU E 13 -2.92 30.22 11.07
N ARG E 14 -3.50 31.33 10.61
CA ARG E 14 -4.87 31.26 10.13
C ARG E 14 -4.90 30.49 8.81
N GLN E 15 -3.79 30.48 8.11
CA GLN E 15 -3.68 29.76 6.87
C GLN E 15 -3.53 28.29 7.15
N ARG E 16 -2.78 27.95 8.17
CA ARG E 16 -2.60 26.53 8.59
C ARG E 16 -3.87 25.87 9.15
N ARG E 17 -4.54 26.59 10.02
CA ARG E 17 -5.74 26.12 10.66
C ARG E 17 -6.88 25.95 9.63
N GLU E 18 -6.90 26.81 8.60
CA GLU E 18 -7.91 26.72 7.54
C GLU E 18 -7.61 25.55 6.63
N LYS E 19 -6.34 25.27 6.41
CA LYS E 19 -5.95 24.12 5.61
C LYS E 19 -6.44 22.81 6.27
N LEU E 20 -6.37 22.76 7.60
CA LEU E 20 -6.75 21.58 8.36
C LEU E 20 -8.28 21.33 8.42
N ASN E 21 -9.03 22.37 8.73
CA ASN E 21 -10.47 22.23 8.82
C ASN E 21 -11.14 21.82 7.47
N GLN E 22 -10.47 22.14 6.39
CA GLN E 22 -10.90 21.78 5.08
C GLN E 22 -10.87 20.27 5.00
N ARG E 23 -9.72 19.69 5.34
CA ARG E 23 -9.50 18.24 5.23
C ARG E 23 -10.37 17.47 6.21
N PHE E 24 -10.69 18.06 7.36
CA PHE E 24 -11.67 17.40 8.23
C PHE E 24 -13.04 17.28 7.56
N TYR E 25 -13.53 18.36 6.92
CA TYR E 25 -14.86 18.32 6.30
C TYR E 25 -14.87 17.31 5.18
N ALA E 26 -13.77 17.22 4.43
CA ALA E 26 -13.69 16.26 3.33
C ALA E 26 -13.79 14.82 3.83
N LEU E 27 -13.22 14.56 5.01
CA LEU E 27 -13.25 13.21 5.58
C LEU E 27 -14.70 12.84 5.80
N ARG E 28 -15.47 13.83 6.23
CA ARG E 28 -16.90 13.68 6.48
C ARG E 28 -17.70 13.38 5.21
N ALA E 29 -17.15 13.70 4.05
CA ALA E 29 -17.87 13.47 2.79
C ALA E 29 -17.62 12.07 2.18
N VAL E 30 -16.60 11.35 2.67
CA VAL E 30 -16.28 10.04 2.09
C VAL E 30 -16.64 8.90 3.05
N VAL E 31 -16.75 9.20 4.35
CA VAL E 31 -17.14 8.22 5.37
C VAL E 31 -18.63 8.35 5.66
N PRO E 32 -19.38 7.24 5.61
CA PRO E 32 -20.84 7.40 5.79
C PRO E 32 -21.30 7.58 7.25
N ASN E 33 -22.41 8.32 7.44
CA ASN E 33 -23.08 8.44 8.73
C ASN E 33 -22.26 9.13 9.81
N VAL E 34 -21.44 10.10 9.43
CA VAL E 34 -20.59 10.81 10.42
C VAL E 34 -20.90 12.31 10.51
N SER E 35 -22.07 12.68 10.03
CA SER E 35 -22.44 14.05 9.67
C SER E 35 -22.13 15.05 10.78
N LYS E 36 -22.49 14.68 12.02
CA LYS E 36 -22.60 15.64 13.11
C LYS E 36 -21.68 15.32 14.31
N MET E 37 -20.59 14.62 14.07
CA MET E 37 -19.72 14.25 15.18
C MET E 37 -18.59 15.24 15.48
N ASP E 38 -18.08 15.19 16.70
CA ASP E 38 -16.92 15.99 17.07
C ASP E 38 -15.75 15.42 16.29
N LYS E 39 -14.67 16.18 16.25
CA LYS E 39 -13.49 15.81 15.48
C LYS E 39 -12.89 14.45 15.89
N ALA E 40 -12.84 14.18 17.20
CA ALA E 40 -12.27 12.93 17.70
C ALA E 40 -13.08 11.68 17.33
N SER E 41 -14.40 11.76 17.50
CA SER E 41 -15.26 10.65 17.14
C SER E 41 -15.22 10.40 15.65
N LEU E 42 -15.01 11.47 14.88
CA LEU E 42 -14.92 11.37 13.44
C LEU E 42 -13.69 10.54 13.02
N LEU E 43 -12.55 10.78 13.66
CA LEU E 43 -11.35 9.98 13.36
C LEU E 43 -11.58 8.52 13.77
N GLY E 44 -12.24 8.32 14.89
CA GLY E 44 -12.52 6.96 15.35
C GLY E 44 -13.34 6.17 14.36
N ASP E 45 -14.35 6.79 13.75
CA ASP E 45 -15.19 6.07 12.83
C ASP E 45 -14.50 5.88 11.49
N ALA E 46 -13.59 6.78 11.14
CA ALA E 46 -12.80 6.60 9.93
C ALA E 46 -11.96 5.34 10.08
N ILE E 47 -11.29 5.21 11.23
CA ILE E 47 -10.45 4.05 11.53
C ILE E 47 -11.27 2.73 11.50
N ALA E 48 -12.42 2.70 12.16
CA ALA E 48 -13.32 1.54 12.12
C ALA E 48 -13.74 1.24 10.70
N TYR E 49 -13.95 2.30 9.92
CA TYR E 49 -14.45 2.15 8.56
C TYR E 49 -13.40 1.55 7.63
N ILE E 50 -12.14 1.92 7.83
CA ILE E 50 -11.02 1.36 7.04
C ILE E 50 -10.81 -0.16 7.29
N ASN E 51 -10.84 -0.57 8.56
CA ASN E 51 -10.73 -1.99 8.92
C ASN E 51 -11.87 -2.81 8.33
N GLU E 52 -13.09 -2.32 8.53
CA GLU E 52 -14.28 -3.00 8.08
C GLU E 52 -14.21 -3.19 6.58
N LEU E 53 -13.69 -2.17 5.91
CA LEU E 53 -13.60 -2.13 4.46
C LEU E 53 -12.50 -3.07 3.97
N LYS E 54 -11.37 -3.12 4.68
CA LYS E 54 -10.30 -4.09 4.33
C LYS E 54 -10.70 -5.55 4.59
N SER E 55 -11.40 -5.78 5.70
CA SER E 55 -11.94 -7.10 6.05
C SER E 55 -12.91 -7.56 4.95
N LYS E 56 -13.66 -6.63 4.36
CA LYS E 56 -14.58 -7.00 3.31
C LYS E 56 -13.87 -7.46 2.03
N VAL E 57 -12.78 -6.80 1.69
CA VAL E 57 -12.06 -7.20 0.48
C VAL E 57 -11.55 -8.63 0.56
N VAL E 58 -11.00 -9.02 1.70
CA VAL E 58 -10.44 -10.35 1.90
C VAL E 58 -11.53 -11.42 1.71
N LYS E 59 -12.72 -11.20 2.27
CA LYS E 59 -13.82 -12.19 2.12
C LYS E 59 -14.30 -12.31 0.69
N THR E 60 -14.36 -11.18 -0.03
CA THR E 60 -14.91 -11.21 -1.39
C THR E 60 -13.96 -11.97 -2.30
N GLU E 61 -12.66 -11.76 -2.15
CA GLU E 61 -11.75 -12.49 -3.02
C GLU E 61 -11.66 -13.97 -2.63
N SER E 62 -11.95 -14.26 -1.37
CA SER E 62 -11.98 -15.64 -0.91
C SER E 62 -13.09 -16.44 -1.57
N GLU E 63 -14.28 -15.85 -1.59
CA GLU E 63 -15.45 -16.44 -2.23
C GLU E 63 -15.26 -16.59 -3.73
N LYS E 64 -14.53 -15.64 -4.32
CA LYS E 64 -14.29 -15.63 -5.78
C LYS E 64 -13.43 -16.81 -6.21
N LEU E 65 -12.41 -17.11 -5.41
CA LEU E 65 -11.52 -18.23 -5.69
C LEU E 65 -12.31 -19.56 -5.62
N GLN E 66 -13.26 -19.65 -4.70
CA GLN E 66 -14.06 -20.88 -4.60
C GLN E 66 -14.87 -21.11 -5.85
N ILE E 67 -15.40 -20.02 -6.40
CA ILE E 67 -16.19 -20.06 -7.62
C ILE E 67 -15.28 -20.35 -8.80
N LYS E 68 -14.03 -19.91 -8.71
CA LYS E 68 -13.12 -20.17 -9.80
C LYS E 68 -12.75 -21.65 -9.90
N ASN E 69 -12.68 -22.33 -8.76
CA ASN E 69 -12.39 -23.76 -8.72
C ASN E 69 -13.56 -24.60 -9.25
N GLN E 70 -14.76 -24.13 -8.96
CA GLN E 70 -15.95 -24.84 -9.37
C GLN E 70 -16.03 -24.78 -10.88
N LEU E 71 -15.62 -23.63 -11.40
CA LEU E 71 -15.56 -23.34 -12.84
C LEU E 71 -14.56 -24.24 -13.57
N GLU E 72 -13.41 -24.52 -12.95
CA GLU E 72 -12.46 -25.39 -13.62
C GLU E 72 -12.92 -26.85 -13.60
N GLU E 73 -13.62 -27.30 -12.55
CA GLU E 73 -14.08 -28.69 -12.56
C GLU E 73 -15.08 -28.93 -13.70
N VAL E 74 -16.06 -28.04 -13.90
CA VAL E 74 -17.03 -28.32 -14.98
C VAL E 74 -16.47 -28.11 -16.38
N LYS E 75 -15.53 -27.17 -16.60
CA LYS E 75 -14.92 -27.12 -17.93
C LYS E 75 -14.20 -28.41 -18.31
N LEU E 76 -13.46 -28.99 -17.37
CA LEU E 76 -12.79 -30.24 -17.63
C LEU E 76 -13.76 -31.31 -18.02
N GLU E 77 -14.89 -31.37 -17.35
CA GLU E 77 -15.91 -32.36 -17.64
C GLU E 77 -16.45 -32.20 -19.05
N LEU E 78 -16.64 -30.96 -19.43
CA LEU E 78 -17.15 -30.67 -20.73
C LEU E 78 -16.16 -31.16 -21.77
N ALA E 79 -14.88 -30.94 -21.52
CA ALA E 79 -13.88 -31.38 -22.46
C ALA E 79 -13.85 -32.88 -22.56
N GLY E 80 -14.01 -33.54 -21.42
CA GLY E 80 -13.99 -34.99 -21.40
C GLY E 80 -15.09 -35.50 -22.26
N ARG E 81 -16.25 -34.86 -22.22
CA ARG E 81 -17.35 -35.33 -23.06
C ARG E 81 -16.97 -35.29 -24.53
N GLU F 5 -11.19 31.73 39.26
CA GLU F 5 -10.01 31.19 38.58
C GLU F 5 -10.44 30.07 37.61
N PRO F 6 -10.28 30.30 36.29
CA PRO F 6 -10.81 29.46 35.20
C PRO F 6 -10.12 28.13 34.94
N LEU F 7 -9.78 27.39 35.99
CA LEU F 7 -8.99 26.18 35.86
C LEU F 7 -9.71 25.08 35.07
N ASN F 8 -10.99 24.82 35.40
CA ASN F 8 -11.73 23.77 34.71
C ASN F 8 -11.76 23.94 33.19
N HIS F 9 -11.94 25.17 32.71
CA HIS F 9 -11.92 25.41 31.27
C HIS F 9 -10.52 25.19 30.69
N VAL F 10 -9.48 25.31 31.50
CA VAL F 10 -8.13 24.99 31.01
C VAL F 10 -7.89 23.45 30.92
N GLU F 11 -8.30 22.70 31.95
CA GLU F 11 -8.13 21.24 31.92
C GLU F 11 -8.96 20.50 30.86
N ALA F 12 -10.21 20.90 30.65
CA ALA F 12 -11.07 20.26 29.63
C ALA F 12 -10.46 20.45 28.26
N GLU F 13 -9.82 21.58 28.06
CA GLU F 13 -9.19 21.84 26.78
C GLU F 13 -7.96 20.97 26.58
N ARG F 14 -7.26 20.64 27.66
CA ARG F 14 -6.09 19.78 27.54
C ARG F 14 -6.45 18.33 27.18
N GLN F 15 -7.59 17.85 27.67
CA GLN F 15 -8.01 16.47 27.39
C GLN F 15 -8.58 16.32 25.99
N ARG F 16 -9.25 17.37 25.54
CA ARG F 16 -9.82 17.37 24.21
C ARG F 16 -8.66 17.23 23.24
N ARG F 17 -7.61 17.95 23.54
CA ARG F 17 -6.43 17.98 22.72
C ARG F 17 -5.67 16.64 22.80
N GLU F 18 -5.70 16.01 23.98
CA GLU F 18 -5.03 14.73 24.19
C GLU F 18 -5.78 13.60 23.45
N LYS F 19 -7.11 13.65 23.53
CA LYS F 19 -7.97 12.67 22.87
C LYS F 19 -7.80 12.74 21.34
N LEU F 20 -7.60 13.95 20.82
CA LEU F 20 -7.39 14.07 19.39
C LEU F 20 -6.04 13.51 19.01
N ASN F 21 -5.01 13.84 19.80
CA ASN F 21 -3.67 13.35 19.49
C ASN F 21 -3.60 11.81 19.53
N GLN F 22 -4.41 11.17 20.39
CA GLN F 22 -4.49 9.70 20.39
C GLN F 22 -5.05 9.13 19.09
N ARG F 23 -6.09 9.78 18.59
CA ARG F 23 -6.75 9.30 17.40
C ARG F 23 -5.82 9.46 16.21
N PHE F 24 -5.04 10.54 16.18
CA PHE F 24 -4.09 10.72 15.10
C PHE F 24 -3.07 9.59 15.03
N TYR F 25 -2.54 9.14 16.18
CA TYR F 25 -1.56 8.05 16.16
C TYR F 25 -2.21 6.75 15.68
N ALA F 26 -3.41 6.46 16.14
CA ALA F 26 -4.10 5.25 15.73
C ALA F 26 -4.32 5.31 14.21
N LEU F 27 -4.56 6.52 13.70
CA LEU F 27 -4.68 6.70 12.26
C LEU F 27 -3.42 6.40 11.47
N ARG F 28 -2.26 6.89 11.93
CA ARG F 28 -1.02 6.64 11.17
C ARG F 28 -0.60 5.17 11.12
N ALA F 29 -1.09 4.38 12.08
CA ALA F 29 -0.66 3.00 12.22
C ALA F 29 -1.45 2.12 11.28
N VAL F 30 -2.50 2.70 10.72
CA VAL F 30 -3.41 1.95 9.90
C VAL F 30 -3.37 2.39 8.42
N VAL F 31 -2.85 3.58 8.11
CA VAL F 31 -2.73 3.99 6.70
C VAL F 31 -1.33 3.81 6.07
N PRO F 32 -1.27 3.20 4.89
CA PRO F 32 0.02 2.83 4.28
C PRO F 32 0.79 3.96 3.58
N ASN F 33 2.10 3.71 3.41
CA ASN F 33 3.06 4.53 2.66
C ASN F 33 3.15 6.06 2.86
N VAL F 34 2.82 6.56 4.04
CA VAL F 34 2.96 7.99 4.35
C VAL F 34 4.26 8.40 5.09
N SER F 35 5.30 8.79 4.37
CA SER F 35 6.53 9.16 5.08
C SER F 35 6.66 10.70 5.19
N LYS F 36 5.74 11.42 4.56
CA LYS F 36 5.52 12.86 4.82
C LYS F 36 4.56 13.07 6.03
N MET F 37 5.14 13.40 7.18
CA MET F 37 4.43 13.37 8.46
C MET F 37 3.70 14.60 9.11
N ASP F 38 3.36 15.63 8.34
CA ASP F 38 2.53 16.74 8.88
C ASP F 38 1.09 16.27 9.09
N LYS F 39 0.37 17.00 9.94
CA LYS F 39 -1.03 16.66 10.22
C LYS F 39 -2.00 16.82 9.01
N ALA F 40 -1.88 17.91 8.25
CA ALA F 40 -2.77 18.11 7.10
C ALA F 40 -2.47 17.01 6.10
N SER F 41 -1.20 16.73 5.89
CA SER F 41 -0.84 15.64 4.98
C SER F 41 -1.34 14.29 5.50
N LEU F 42 -1.39 14.09 6.81
CA LEU F 42 -1.92 12.80 7.29
C LEU F 42 -3.40 12.61 6.95
N LEU F 43 -4.23 13.61 7.24
CA LEU F 43 -5.67 13.52 6.93
C LEU F 43 -5.87 13.41 5.43
N GLY F 44 -5.06 14.12 4.64
CA GLY F 44 -5.13 14.02 3.20
C GLY F 44 -4.94 12.61 2.62
N ASP F 45 -4.01 11.87 3.22
CA ASP F 45 -3.70 10.54 2.75
C ASP F 45 -4.80 9.56 3.14
N ALA F 46 -5.45 9.83 4.26
CA ALA F 46 -6.55 9.00 4.73
C ALA F 46 -7.70 9.08 3.77
N ILE F 47 -7.97 10.29 3.31
CA ILE F 47 -9.01 10.50 2.33
C ILE F 47 -8.72 9.74 1.04
N ALA F 48 -7.53 9.92 0.49
CA ALA F 48 -7.11 9.16 -0.69
C ALA F 48 -7.16 7.63 -0.45
N TYR F 49 -6.77 7.18 0.73
CA TYR F 49 -6.75 5.73 1.00
C TYR F 49 -8.16 5.11 1.08
N ILE F 50 -9.10 5.82 1.68
CA ILE F 50 -10.48 5.33 1.79
C ILE F 50 -11.14 5.22 0.40
N ASN F 51 -10.88 6.19 -0.47
CA ASN F 51 -11.38 6.15 -1.86
C ASN F 51 -10.84 4.96 -2.66
N GLU F 52 -9.51 4.74 -2.58
CA GLU F 52 -8.87 3.67 -3.34
C GLU F 52 -9.40 2.30 -2.95
N LEU F 53 -9.69 2.22 -1.66
CA LEU F 53 -10.17 1.03 -1.01
C LEU F 53 -11.67 0.76 -1.27
N LYS F 54 -12.48 1.80 -1.25
CA LYS F 54 -13.90 1.67 -1.55
C LYS F 54 -14.10 1.28 -3.03
N SER F 55 -13.26 1.83 -3.89
CA SER F 55 -13.28 1.50 -5.28
C SER F 55 -12.97 0.01 -5.48
N LYS F 56 -12.04 -0.53 -4.67
CA LYS F 56 -11.63 -1.95 -4.76
C LYS F 56 -12.72 -2.95 -4.37
N VAL F 57 -13.43 -2.66 -3.29
CA VAL F 57 -14.52 -3.54 -2.88
C VAL F 57 -15.57 -3.63 -3.99
N VAL F 58 -15.85 -2.51 -4.66
CA VAL F 58 -16.82 -2.54 -5.73
C VAL F 58 -16.27 -3.37 -6.89
N LYS F 59 -15.03 -3.13 -7.28
CA LYS F 59 -14.46 -3.82 -8.44
C LYS F 59 -14.33 -5.30 -8.16
N THR F 60 -13.97 -5.64 -6.93
CA THR F 60 -13.78 -7.03 -6.59
C THR F 60 -15.09 -7.80 -6.56
N GLU F 61 -16.13 -7.19 -5.99
CA GLU F 61 -17.39 -7.90 -5.83
C GLU F 61 -18.11 -8.07 -7.16
N SER F 62 -17.84 -7.14 -8.06
CA SER F 62 -18.40 -7.13 -9.39
C SER F 62 -17.75 -8.25 -10.22
N GLU F 63 -16.45 -8.44 -10.05
CA GLU F 63 -15.79 -9.56 -10.72
C GLU F 63 -16.39 -10.92 -10.26
N LYS F 64 -16.81 -11.01 -9.00
CA LYS F 64 -17.31 -12.29 -8.47
C LYS F 64 -18.62 -12.73 -9.12
N LEU F 65 -19.55 -11.79 -9.25
CA LEU F 65 -20.81 -12.09 -9.93
C LEU F 65 -20.48 -12.44 -11.37
N GLN F 66 -19.51 -11.72 -11.91
CA GLN F 66 -19.02 -11.95 -13.27
C GLN F 66 -18.35 -13.31 -13.50
N ILE F 67 -17.74 -13.92 -12.50
CA ILE F 67 -17.22 -15.28 -12.70
C ILE F 67 -18.39 -16.28 -12.52
N LYS F 68 -19.39 -15.87 -11.73
CA LYS F 68 -20.57 -16.72 -11.50
C LYS F 68 -21.42 -16.90 -12.79
N ASN F 69 -21.19 -16.06 -13.78
CA ASN F 69 -21.86 -16.17 -15.06
C ASN F 69 -21.39 -17.34 -15.94
N GLN F 70 -20.08 -17.57 -16.06
CA GLN F 70 -19.52 -18.62 -16.87
C GLN F 70 -19.88 -19.93 -16.27
N LEU F 71 -19.87 -19.97 -14.93
CA LEU F 71 -20.12 -21.22 -14.22
C LEU F 71 -21.51 -21.76 -14.57
N GLU F 72 -22.49 -20.90 -14.65
CA GLU F 72 -23.81 -21.35 -15.03
C GLU F 72 -23.92 -21.55 -16.52
N GLU F 73 -23.20 -20.76 -17.28
CA GLU F 73 -23.24 -20.91 -18.73
C GLU F 73 -22.65 -22.26 -19.12
N VAL F 74 -21.53 -22.60 -18.50
CA VAL F 74 -20.85 -23.84 -18.83
C VAL F 74 -21.63 -25.05 -18.30
N LYS F 75 -22.31 -24.91 -17.14
CA LYS F 75 -23.20 -25.98 -16.65
C LYS F 75 -24.32 -26.25 -17.66
N LEU F 76 -24.80 -25.16 -18.24
CA LEU F 76 -25.86 -25.19 -19.23
C LEU F 76 -25.45 -25.90 -20.50
N GLU F 77 -24.23 -25.69 -20.93
CA GLU F 77 -23.69 -26.36 -22.10
C GLU F 77 -23.60 -27.83 -21.85
N LEU F 78 -23.29 -28.16 -20.61
CA LEU F 78 -23.18 -29.51 -20.15
C LEU F 78 -24.51 -30.19 -20.16
N ALA F 79 -25.54 -29.39 -20.19
CA ALA F 79 -26.90 -29.87 -20.20
C ALA F 79 -27.16 -30.76 -21.38
N GLY F 80 -26.55 -30.44 -22.51
CA GLY F 80 -26.67 -31.30 -23.67
C GLY F 80 -25.35 -32.06 -23.75
N ARG F 81 -25.34 -33.34 -23.45
CA ARG F 81 -26.55 -34.06 -23.07
C ARG F 81 -26.31 -35.07 -21.96
N ASN I 8 -9.51 48.12 -15.48
CA ASN I 8 -10.55 48.58 -14.58
C ASN I 8 -10.66 47.55 -13.45
N HIS I 9 -10.32 47.92 -12.23
CA HIS I 9 -10.19 46.85 -11.22
C HIS I 9 -11.42 46.69 -10.38
N VAL I 10 -12.23 47.73 -10.26
CA VAL I 10 -13.51 47.59 -9.57
C VAL I 10 -14.38 46.76 -10.50
N GLU I 11 -14.26 47.00 -11.80
CA GLU I 11 -14.97 46.22 -12.81
C GLU I 11 -14.48 44.76 -12.87
N ALA I 12 -13.17 44.54 -12.76
CA ALA I 12 -12.61 43.19 -12.89
C ALA I 12 -13.14 42.21 -11.83
N GLU I 13 -13.31 42.68 -10.60
CA GLU I 13 -13.87 41.88 -9.53
C GLU I 13 -15.38 41.71 -9.66
N ARG I 14 -16.06 42.72 -10.20
CA ARG I 14 -17.52 42.65 -10.37
C ARG I 14 -17.88 41.57 -11.34
N GLN I 15 -17.01 41.34 -12.30
CA GLN I 15 -17.25 40.30 -13.29
C GLN I 15 -17.07 38.92 -12.69
N ARG I 16 -16.09 38.80 -11.79
CA ARG I 16 -15.77 37.52 -11.18
C ARG I 16 -16.97 37.08 -10.37
N ARG I 17 -17.59 38.05 -9.70
CA ARG I 17 -18.77 37.75 -8.91
C ARG I 17 -19.91 37.33 -9.84
N GLU I 18 -19.95 37.85 -11.06
CA GLU I 18 -21.01 37.46 -12.00
C GLU I 18 -20.85 36.03 -12.48
N LYS I 19 -19.60 35.68 -12.82
CA LYS I 19 -19.23 34.34 -13.30
C LYS I 19 -19.48 33.25 -12.25
N LEU I 20 -19.20 33.61 -11.01
CA LEU I 20 -19.37 32.70 -9.90
C LEU I 20 -20.86 32.53 -9.67
N ASN I 21 -21.60 33.63 -9.70
CA ASN I 21 -23.05 33.58 -9.52
C ASN I 21 -23.82 32.82 -10.61
N GLN I 22 -23.30 32.77 -11.86
CA GLN I 22 -23.99 31.90 -12.84
C GLN I 22 -23.94 30.41 -12.54
N ARG I 23 -22.82 29.93 -12.03
CA ARG I 23 -22.75 28.54 -11.67
C ARG I 23 -23.56 28.26 -10.42
N PHE I 24 -23.62 29.22 -9.49
CA PHE I 24 -24.48 29.02 -8.32
C PHE I 24 -25.95 28.88 -8.70
N TYR I 25 -26.41 29.67 -9.68
CA TYR I 25 -27.79 29.59 -10.16
C TYR I 25 -28.08 28.31 -10.95
N ALA I 26 -27.13 27.88 -11.77
CA ALA I 26 -27.29 26.65 -12.54
C ALA I 26 -27.37 25.45 -11.62
N LEU I 27 -26.57 25.53 -10.56
CA LEU I 27 -26.46 24.45 -9.60
C LEU I 27 -27.82 24.24 -8.97
N ARG I 28 -28.56 25.32 -8.72
CA ARG I 28 -29.89 25.17 -8.13
C ARG I 28 -30.81 24.44 -9.08
N ALA I 29 -30.47 24.43 -10.35
CA ALA I 29 -31.33 23.83 -11.35
C ALA I 29 -31.05 22.34 -11.55
N VAL I 30 -29.96 21.82 -10.98
CA VAL I 30 -29.64 20.40 -11.19
C VAL I 30 -29.78 19.48 -9.99
N VAL I 31 -29.69 19.99 -8.77
CA VAL I 31 -29.88 19.16 -7.61
C VAL I 31 -31.29 19.39 -7.06
N PRO I 32 -32.03 18.33 -6.83
CA PRO I 32 -33.41 18.41 -6.39
C PRO I 32 -33.71 18.96 -5.01
N ASN I 33 -34.98 19.25 -4.81
CA ASN I 33 -35.45 19.78 -3.56
C ASN I 33 -34.68 21.03 -3.22
N VAL I 34 -34.14 21.12 -2.02
CA VAL I 34 -33.39 22.29 -1.61
C VAL I 34 -34.35 23.42 -1.25
N LYS I 36 -34.83 26.84 -0.57
CA LYS I 36 -34.24 28.09 -1.07
C LYS I 36 -33.04 28.46 -0.23
N MET I 37 -32.27 27.44 0.14
CA MET I 37 -31.11 27.62 1.00
C MET I 37 -30.02 28.61 0.52
N ASP I 38 -29.21 29.02 1.49
CA ASP I 38 -28.03 29.86 1.30
C ASP I 38 -26.99 29.15 0.46
N LYS I 39 -25.97 29.89 0.04
CA LYS I 39 -24.94 29.36 -0.83
C LYS I 39 -24.19 28.13 -0.23
N ALA I 40 -23.89 28.20 1.07
CA ALA I 40 -23.17 27.12 1.72
C ALA I 40 -23.97 25.82 1.77
N SER I 41 -25.25 25.94 2.12
CA SER I 41 -26.17 24.81 2.17
C SER I 41 -26.42 24.23 0.80
N LEU I 42 -26.33 25.10 -0.20
CA LEU I 42 -26.48 24.69 -1.57
C LEU I 42 -25.33 23.75 -1.94
N LEU I 43 -24.12 24.13 -1.54
CA LEU I 43 -22.93 23.33 -1.84
C LEU I 43 -22.97 21.99 -1.11
N GLY I 44 -23.39 22.02 0.15
CA GLY I 44 -23.49 20.82 0.97
C GLY I 44 -24.44 19.80 0.32
N ASP I 45 -25.55 20.30 -0.22
CA ASP I 45 -26.55 19.43 -0.81
C ASP I 45 -26.11 18.83 -2.15
N ALA I 46 -25.24 19.55 -2.85
CA ALA I 46 -24.64 19.05 -4.08
C ALA I 46 -23.79 17.82 -3.82
N ILE I 47 -23.00 17.90 -2.75
CA ILE I 47 -22.12 16.83 -2.32
C ILE I 47 -22.92 15.57 -1.94
N ALA I 48 -23.94 15.75 -1.12
CA ALA I 48 -24.80 14.63 -0.76
C ALA I 48 -25.44 13.98 -1.99
N TYR I 49 -25.88 14.80 -2.95
CA TYR I 49 -26.58 14.27 -4.10
C TYR I 49 -25.63 13.46 -4.98
N ILE I 50 -24.40 13.97 -5.14
CA ILE I 50 -23.37 13.26 -5.90
C ILE I 50 -23.06 11.91 -5.23
N ASN I 51 -22.95 11.90 -3.90
CA ASN I 51 -22.77 10.63 -3.24
C ASN I 51 -23.97 9.70 -3.52
N GLU I 52 -25.19 10.23 -3.46
CA GLU I 52 -26.36 9.39 -3.69
C GLU I 52 -26.35 8.75 -5.09
N LEU I 53 -25.85 9.50 -6.08
CA LEU I 53 -25.75 9.05 -7.47
C LEU I 53 -24.63 8.00 -7.74
N LYS I 54 -23.46 8.16 -7.11
CA LYS I 54 -22.40 7.15 -7.29
C LYS I 54 -22.90 5.81 -6.77
N SER I 55 -23.64 5.84 -5.66
CA SER I 55 -24.26 4.65 -5.13
C SER I 55 -25.21 4.00 -6.10
N LYS I 56 -25.98 4.79 -6.84
CA LYS I 56 -26.94 4.19 -7.76
C LYS I 56 -26.23 3.53 -8.93
N VAL I 57 -25.19 4.17 -9.45
CA VAL I 57 -24.49 3.55 -10.56
C VAL I 57 -23.97 2.19 -10.12
N VAL I 58 -23.39 2.11 -8.91
CA VAL I 58 -22.85 0.86 -8.36
C VAL I 58 -23.91 -0.23 -8.17
N LYS I 59 -25.02 0.13 -7.54
CA LYS I 59 -26.13 -0.77 -7.27
C LYS I 59 -26.92 -1.25 -8.49
N THR I 60 -27.16 -0.36 -9.43
CA THR I 60 -27.96 -0.73 -10.57
C THR I 60 -27.19 -1.71 -11.43
N GLU I 61 -25.90 -1.48 -11.60
CA GLU I 61 -25.05 -2.36 -12.39
C GLU I 61 -24.86 -3.64 -11.68
N SER I 62 -24.95 -3.58 -10.37
CA SER I 62 -24.85 -4.78 -9.57
C SER I 62 -26.15 -5.61 -9.75
N GLU I 63 -27.30 -4.93 -9.74
CA GLU I 63 -28.59 -5.59 -9.95
C GLU I 63 -28.72 -6.28 -11.31
N LYS I 64 -28.12 -5.68 -12.34
CA LYS I 64 -28.22 -6.22 -13.70
C LYS I 64 -27.51 -7.57 -13.87
N LEU I 65 -26.33 -7.73 -13.24
CA LEU I 65 -25.60 -9.00 -13.25
C LEU I 65 -26.35 -10.13 -12.52
N GLN I 66 -27.00 -9.79 -11.40
CA GLN I 66 -27.77 -10.74 -10.62
C GLN I 66 -28.99 -11.32 -11.35
N ILE I 67 -29.65 -10.49 -12.15
CA ILE I 67 -30.78 -10.94 -12.94
C ILE I 67 -30.24 -11.85 -14.04
N LYS I 68 -29.00 -11.62 -14.48
CA LYS I 68 -28.41 -12.50 -15.50
C LYS I 68 -28.08 -13.91 -14.99
N ASN I 69 -27.65 -13.99 -13.74
CA ASN I 69 -27.37 -15.23 -13.09
C ASN I 69 -28.68 -15.97 -12.70
N GLN I 70 -29.68 -15.19 -12.30
CA GLN I 70 -30.97 -15.76 -11.88
C GLN I 70 -31.67 -16.38 -13.10
N LEU I 71 -31.48 -15.75 -14.25
CA LEU I 71 -32.05 -16.22 -15.51
C LEU I 71 -31.51 -17.57 -15.92
N GLU I 72 -30.20 -17.76 -15.79
CA GLU I 72 -29.61 -19.03 -16.21
C GLU I 72 -29.96 -20.16 -15.24
N GLU I 73 -30.17 -19.84 -13.96
CA GLU I 73 -30.63 -20.88 -13.05
C GLU I 73 -31.96 -21.46 -13.49
N VAL I 74 -32.92 -20.64 -13.92
CA VAL I 74 -34.18 -21.23 -14.31
C VAL I 74 -34.02 -22.00 -15.62
N LYS I 75 -33.15 -21.51 -16.52
CA LYS I 75 -32.86 -22.30 -17.73
C LYS I 75 -32.31 -23.68 -17.36
N LEU I 76 -31.44 -23.73 -16.35
CA LEU I 76 -30.90 -25.00 -15.87
C LEU I 76 -31.97 -25.92 -15.28
N GLU I 77 -32.87 -25.40 -14.49
CA GLU I 77 -33.91 -26.24 -13.92
C GLU I 77 -34.76 -26.83 -15.00
N LEU I 78 -34.93 -26.06 -16.06
CA LEU I 78 -35.71 -26.45 -17.20
C LEU I 78 -35.12 -27.64 -17.86
N ALA I 79 -33.82 -27.67 -17.87
CA ALA I 79 -33.07 -28.73 -18.49
C ALA I 79 -33.22 -29.98 -17.69
N GLY I 80 -33.78 -29.88 -16.50
CA GLY I 80 -33.94 -31.05 -15.67
C GLY I 80 -35.18 -31.85 -16.01
N ARG I 81 -35.14 -32.54 -17.13
CA ARG I 81 -36.26 -33.35 -17.57
C ARG I 81 -35.95 -34.12 -18.85
N ASN J 8 -17.59 40.89 16.56
CA ASN J 8 -18.87 40.20 16.56
C ASN J 8 -19.42 40.11 15.14
N HIS J 9 -19.30 41.20 14.39
CA HIS J 9 -19.77 41.21 13.02
C HIS J 9 -18.63 40.98 12.04
N VAL J 10 -17.42 41.28 12.45
CA VAL J 10 -16.26 40.97 11.64
C VAL J 10 -16.07 39.43 11.65
N GLU J 11 -16.26 38.83 12.83
CA GLU J 11 -16.15 37.37 13.00
C GLU J 11 -17.22 36.55 12.30
N ALA J 12 -18.45 37.04 12.29
CA ALA J 12 -19.52 36.31 11.64
C ALA J 12 -19.26 36.16 10.13
N GLU J 13 -18.71 37.21 9.48
CA GLU J 13 -18.40 37.16 8.03
C GLU J 13 -17.24 36.23 7.76
N ARG J 14 -16.36 36.11 8.74
CA ARG J 14 -15.25 35.17 8.71
C ARG J 14 -15.72 33.72 8.79
N GLN J 15 -16.76 33.51 9.58
CA GLN J 15 -17.33 32.20 9.76
C GLN J 15 -18.05 31.81 8.51
N ARG J 16 -18.63 32.78 7.85
CA ARG J 16 -19.31 32.52 6.60
C ARG J 16 -18.33 32.12 5.50
N ARG J 17 -17.20 32.81 5.43
CA ARG J 17 -16.25 32.52 4.37
C ARG J 17 -15.62 31.16 4.63
N GLU J 18 -15.46 30.79 5.91
CA GLU J 18 -14.90 29.49 6.22
C GLU J 18 -15.85 28.33 5.86
N LYS J 19 -17.14 28.51 6.15
CA LYS J 19 -18.13 27.49 5.79
C LYS J 19 -18.17 27.29 4.28
N LEU J 20 -17.95 28.38 3.51
CA LEU J 20 -17.94 28.26 2.06
C LEU J 20 -16.69 27.55 1.55
N ASN J 21 -15.52 27.92 2.08
CA ASN J 21 -14.23 27.33 1.69
C ASN J 21 -14.09 25.82 2.00
N GLN J 22 -14.75 25.35 3.05
CA GLN J 22 -14.73 23.93 3.40
C GLN J 22 -15.46 23.02 2.37
N ARG J 23 -16.59 23.48 1.86
CA ARG J 23 -17.34 22.73 0.86
C ARG J 23 -16.65 22.74 -0.50
N PHE J 24 -15.97 23.83 -0.83
CA PHE J 24 -15.27 23.86 -2.11
C PHE J 24 -14.21 22.74 -2.18
N TYR J 25 -13.44 22.54 -1.11
CA TYR J 25 -12.41 21.50 -1.07
C TYR J 25 -12.97 20.07 -1.08
N ALA J 26 -14.06 19.85 -0.37
CA ALA J 26 -14.68 18.54 -0.28
C ALA J 26 -15.18 18.10 -1.64
N LEU J 27 -15.56 19.09 -2.43
CA LEU J 27 -16.07 18.88 -3.77
C LEU J 27 -14.97 18.21 -4.59
N ARG J 28 -13.74 18.67 -4.37
CA ARG J 28 -12.56 18.14 -5.03
C ARG J 28 -12.25 16.68 -4.62
N ALA J 29 -12.76 16.23 -3.47
CA ALA J 29 -12.49 14.88 -2.98
C ALA J 29 -13.48 13.83 -3.45
N VAL J 30 -14.59 14.28 -4.01
CA VAL J 30 -15.59 13.33 -4.46
C VAL J 30 -15.70 13.36 -6.00
N VAL J 31 -15.22 14.47 -6.60
CA VAL J 31 -15.21 14.64 -8.05
C VAL J 31 -13.83 14.31 -8.64
N PRO J 32 -13.78 13.46 -9.68
CA PRO J 32 -12.54 12.79 -10.09
C PRO J 32 -11.37 13.55 -10.76
N ASN J 33 -11.51 14.74 -11.33
CA ASN J 33 -10.29 15.38 -11.84
C ASN J 33 -10.24 16.88 -11.72
N VAL J 34 -10.92 17.41 -10.71
CA VAL J 34 -10.98 18.84 -10.49
C VAL J 34 -10.00 19.34 -9.40
N SER J 35 -8.93 18.60 -9.16
CA SER J 35 -7.95 18.98 -8.13
C SER J 35 -7.49 20.41 -8.34
N LYS J 36 -7.05 20.71 -9.56
CA LYS J 36 -6.24 21.89 -9.80
C LYS J 36 -6.91 22.90 -10.73
N MET J 37 -7.85 23.67 -10.20
CA MET J 37 -8.51 24.70 -10.99
C MET J 37 -9.28 25.69 -10.10
N ASP J 38 -9.64 26.84 -10.67
CA ASP J 38 -10.34 27.91 -9.99
C ASP J 38 -11.71 27.51 -9.46
N LYS J 39 -12.23 28.33 -8.55
CA LYS J 39 -13.52 28.11 -7.90
C LYS J 39 -14.65 28.03 -8.93
N ALA J 40 -14.60 28.87 -9.96
CA ALA J 40 -15.61 28.84 -11.01
C ALA J 40 -15.49 27.56 -11.84
N SER J 41 -14.27 27.19 -12.23
CA SER J 41 -14.08 25.94 -12.97
C SER J 41 -14.47 24.74 -12.11
N LEU J 42 -14.28 24.85 -10.80
CA LEU J 42 -14.69 23.76 -9.95
C LEU J 42 -16.21 23.58 -10.01
N LEU J 43 -16.97 24.66 -9.87
CA LEU J 43 -18.43 24.52 -9.90
C LEU J 43 -18.92 24.01 -11.25
N GLY J 44 -18.31 24.53 -12.32
CA GLY J 44 -18.69 24.09 -13.67
C GLY J 44 -18.49 22.61 -13.88
N ASP J 45 -17.41 22.06 -13.32
CA ASP J 45 -17.10 20.65 -13.52
C ASP J 45 -17.98 19.74 -12.64
N ALA J 46 -18.43 20.25 -11.50
CA ALA J 46 -19.37 19.50 -10.67
C ALA J 46 -20.70 19.27 -11.40
N ILE J 47 -21.19 20.33 -12.04
CA ILE J 47 -22.43 20.28 -12.79
C ILE J 47 -22.33 19.25 -13.93
N ALA J 48 -21.26 19.31 -14.72
CA ALA J 48 -21.06 18.31 -15.78
C ALA J 48 -20.98 16.89 -15.23
N TYR J 49 -20.33 16.72 -14.09
CA TYR J 49 -20.13 15.38 -13.54
C TYR J 49 -21.44 14.83 -13.04
N ILE J 50 -22.29 15.69 -12.49
CA ILE J 50 -23.61 15.26 -12.03
C ILE J 50 -24.44 14.76 -13.21
N ASN J 51 -24.42 15.48 -14.33
CA ASN J 51 -25.17 15.07 -15.53
C ASN J 51 -24.67 13.71 -16.05
N GLU J 52 -23.36 13.51 -16.08
CA GLU J 52 -22.77 12.23 -16.54
C GLU J 52 -23.26 11.04 -15.71
N LEU J 53 -23.48 11.26 -14.42
CA LEU J 53 -23.92 10.20 -13.53
C LEU J 53 -25.40 9.83 -13.77
N LYS J 54 -26.24 10.84 -13.96
CA LYS J 54 -27.64 10.59 -14.24
C LYS J 54 -27.79 9.83 -15.55
N SER J 55 -26.97 10.21 -16.52
CA SER J 55 -26.99 9.55 -17.80
C SER J 55 -26.69 8.05 -17.67
N LYS J 56 -25.77 7.67 -16.77
CA LYS J 56 -25.44 6.26 -16.64
C LYS J 56 -26.58 5.44 -15.99
N VAL J 57 -27.22 5.98 -14.95
CA VAL J 57 -28.28 5.28 -14.24
C VAL J 57 -29.43 4.93 -15.18
N VAL J 58 -29.83 5.90 -16.00
CA VAL J 58 -30.87 5.65 -17.00
C VAL J 58 -30.36 4.62 -18.03
N LYS J 59 -29.11 4.74 -18.48
CA LYS J 59 -28.64 3.81 -19.49
C LYS J 59 -28.56 2.40 -18.89
N THR J 60 -28.09 2.29 -17.65
CA THR J 60 -27.91 0.95 -17.04
C THR J 60 -29.24 0.28 -16.77
N GLU J 61 -30.23 1.05 -16.31
CA GLU J 61 -31.53 0.45 -16.00
C GLU J 61 -32.37 0.05 -17.21
N SER J 62 -32.12 0.69 -18.33
CA SER J 62 -32.81 0.34 -19.54
C SER J 62 -32.30 -1.04 -20.01
N GLU J 63 -30.99 -1.26 -19.89
CA GLU J 63 -30.36 -2.55 -20.22
C GLU J 63 -30.86 -3.70 -19.32
N LYS J 64 -31.09 -3.36 -18.07
CA LYS J 64 -31.56 -4.29 -17.06
C LYS J 64 -33.01 -4.74 -17.31
N LEU J 65 -33.88 -3.82 -17.73
CA LEU J 65 -35.28 -4.21 -17.97
C LEU J 65 -35.45 -5.26 -19.08
N GLN J 66 -34.68 -5.17 -20.16
CA GLN J 66 -34.82 -6.16 -21.22
C GLN J 66 -34.50 -7.55 -20.68
N ILE J 67 -33.51 -7.62 -19.79
CA ILE J 67 -33.12 -8.90 -19.24
C ILE J 67 -34.11 -9.47 -18.22
N LYS J 68 -34.78 -8.61 -17.46
CA LYS J 68 -35.76 -9.10 -16.51
C LYS J 68 -37.02 -9.62 -17.24
N ASN J 69 -37.30 -9.06 -18.43
CA ASN J 69 -38.40 -9.55 -19.23
C ASN J 69 -38.12 -11.00 -19.72
N GLN J 70 -36.87 -11.28 -20.05
CA GLN J 70 -36.50 -12.60 -20.48
C GLN J 70 -36.63 -13.56 -19.30
N LEU J 71 -36.33 -13.04 -18.12
CA LEU J 71 -36.42 -13.83 -16.91
C LEU J 71 -37.85 -14.20 -16.60
N GLU J 72 -38.74 -13.22 -16.70
CA GLU J 72 -40.14 -13.45 -16.37
C GLU J 72 -40.79 -14.36 -17.41
N GLU J 73 -40.36 -14.28 -18.67
CA GLU J 73 -40.89 -15.19 -19.66
C GLU J 73 -40.50 -16.65 -19.35
N VAL J 74 -39.24 -16.88 -19.03
CA VAL J 74 -38.80 -18.25 -18.80
C VAL J 74 -39.37 -18.85 -17.51
N LYS J 75 -39.62 -18.03 -16.49
CA LYS J 75 -40.32 -18.57 -15.32
C LYS J 75 -41.69 -19.17 -15.67
N LEU J 76 -42.38 -18.49 -16.57
CA LEU J 76 -43.73 -18.85 -16.91
C LEU J 76 -43.78 -20.25 -17.55
N GLU J 77 -42.84 -20.56 -18.45
CA GLU J 77 -42.78 -21.94 -18.99
C GLU J 77 -42.43 -23.01 -17.94
N LEU J 78 -41.62 -22.65 -16.95
CA LEU J 78 -41.33 -23.60 -15.86
C LEU J 78 -42.56 -23.93 -15.03
N ALA J 79 -43.53 -23.04 -14.96
CA ALA J 79 -44.78 -23.42 -14.28
C ALA J 79 -45.67 -24.36 -15.13
N GLY J 80 -45.07 -25.08 -16.09
CA GLY J 80 -45.81 -26.01 -16.94
C GLY J 80 -45.37 -27.47 -16.90
N ASN M 8 36.46 28.34 18.31
CA ASN M 8 36.21 26.93 18.56
C ASN M 8 35.50 26.28 17.38
N HIS M 9 35.82 26.73 16.17
CA HIS M 9 35.26 26.11 14.96
C HIS M 9 36.24 25.18 14.22
N VAL M 10 37.53 25.49 14.29
CA VAL M 10 38.59 24.64 13.74
C VAL M 10 38.80 23.41 14.62
N GLU M 11 38.77 23.66 15.92
CA GLU M 11 38.90 22.60 16.91
C GLU M 11 37.69 21.67 16.84
N ALA M 12 36.50 22.24 16.62
CA ALA M 12 35.25 21.47 16.50
C ALA M 12 35.25 20.52 15.28
N GLU M 13 35.83 21.00 14.19
CA GLU M 13 35.92 20.21 12.96
C GLU M 13 36.94 19.06 13.00
N ARG M 14 38.01 19.24 13.73
CA ARG M 14 39.03 18.21 13.85
C ARG M 14 38.49 17.05 14.64
N GLN M 15 37.50 17.31 15.48
CA GLN M 15 36.85 16.27 16.25
C GLN M 15 35.84 15.45 15.41
N ARG M 16 35.20 16.04 14.41
CA ARG M 16 34.30 15.28 13.56
C ARG M 16 35.07 14.28 12.75
N ARG M 17 36.22 14.69 12.23
CA ARG M 17 37.01 13.80 11.42
C ARG M 17 37.57 12.61 12.18
N GLU M 18 38.05 12.85 13.38
CA GLU M 18 38.59 11.76 14.15
C GLU M 18 37.56 10.74 14.53
N LYS M 19 36.38 11.21 14.88
CA LYS M 19 35.30 10.35 15.25
C LYS M 19 34.99 9.40 14.10
N LEU M 20 35.06 9.92 12.90
CA LEU M 20 34.79 9.16 11.70
C LEU M 20 35.89 8.11 11.47
N ASN M 21 37.15 8.55 11.58
CA ASN M 21 38.25 7.62 11.40
C ASN M 21 38.32 6.47 12.42
N GLN M 22 37.89 6.67 13.66
CA GLN M 22 37.88 5.51 14.54
C GLN M 22 36.78 4.53 14.09
N ARG M 23 35.66 5.04 13.56
CA ARG M 23 34.64 4.11 13.05
C ARG M 23 35.07 3.45 11.74
N PHE M 24 35.79 4.17 10.89
CA PHE M 24 36.32 3.53 9.69
C PHE M 24 37.30 2.40 10.06
N TYR M 25 38.19 2.60 11.04
CA TYR M 25 39.15 1.57 11.45
C TYR M 25 38.51 0.33 12.14
N ALA M 26 37.47 0.53 12.93
CA ALA M 26 36.76 -0.56 13.59
C ALA M 26 36.09 -1.46 12.57
N LEU M 27 35.68 -0.85 11.47
CA LEU M 27 34.97 -1.55 10.40
C LEU M 27 35.81 -2.66 9.78
N ARG M 28 37.09 -2.37 9.55
CA ARG M 28 38.00 -3.34 8.99
C ARG M 28 38.29 -4.49 9.97
N ALA M 29 37.91 -4.31 11.23
CA ALA M 29 38.10 -5.34 12.24
C ALA M 29 36.95 -6.36 12.33
N VAL M 30 35.80 -6.11 11.71
CA VAL M 30 34.68 -7.05 11.76
C VAL M 30 34.35 -7.64 10.40
N VAL M 31 34.88 -7.02 9.34
CA VAL M 31 34.65 -7.54 7.99
C VAL M 31 35.84 -8.42 7.59
N PRO M 32 35.57 -9.60 7.03
CA PRO M 32 36.65 -10.58 6.88
C PRO M 32 37.75 -10.41 5.83
N ASN M 33 37.63 -9.59 4.77
CA ASN M 33 38.76 -9.53 3.83
C ASN M 33 39.41 -8.27 3.25
N VAL M 34 40.57 -8.49 2.63
CA VAL M 34 41.40 -7.49 1.94
C VAL M 34 41.76 -6.19 2.66
N SER M 35 42.39 -6.31 3.82
CA SER M 35 42.74 -5.15 4.62
C SER M 35 43.69 -4.21 3.90
N LYS M 36 43.68 -2.95 4.30
CA LYS M 36 44.57 -1.96 3.71
C LYS M 36 44.13 -1.38 2.39
N MET M 37 42.90 -1.64 2.01
CA MET M 37 42.33 -1.10 0.78
C MET M 37 41.60 0.24 0.92
N ASP M 38 40.93 0.61 -0.17
CA ASP M 38 40.22 1.86 -0.32
C ASP M 38 39.11 2.03 0.70
N LYS M 39 38.86 3.29 1.10
CA LYS M 39 37.81 3.61 2.08
C LYS M 39 36.44 3.27 1.51
N ALA M 40 36.26 3.63 0.24
CA ALA M 40 35.01 3.36 -0.43
C ALA M 40 34.82 1.86 -0.56
N SER M 41 35.88 1.17 -0.97
CA SER M 41 35.85 -0.29 -1.10
C SER M 41 35.61 -0.96 0.22
N LEU M 42 36.05 -0.33 1.29
CA LEU M 42 35.80 -0.88 2.60
C LEU M 42 34.31 -0.91 2.83
N LEU M 43 33.65 0.21 2.53
CA LEU M 43 32.21 0.30 2.69
C LEU M 43 31.47 -0.66 1.78
N GLY M 44 31.91 -0.77 0.53
CA GLY M 44 31.31 -1.70 -0.44
C GLY M 44 31.33 -3.13 0.06
N ASP M 45 32.42 -3.52 0.72
CA ASP M 45 32.58 -4.87 1.24
C ASP M 45 31.72 -5.14 2.46
N ALA M 46 31.48 -4.11 3.25
CA ALA M 46 30.63 -4.17 4.44
C ALA M 46 29.17 -4.43 4.08
N ILE M 47 28.70 -3.73 3.06
CA ILE M 47 27.35 -3.90 2.56
C ILE M 47 27.19 -5.35 2.09
N ALA M 48 28.12 -5.81 1.27
CA ALA M 48 28.08 -7.19 0.80
C ALA M 48 28.06 -8.19 1.97
N TYR M 49 28.85 -7.92 3.04
CA TYR M 49 28.95 -8.81 4.17
C TYR M 49 27.69 -8.82 5.04
N ILE M 50 27.07 -7.66 5.21
CA ILE M 50 25.83 -7.57 5.95
C ILE M 50 24.74 -8.40 5.25
N ASN M 51 24.67 -8.31 3.92
CA ASN M 51 23.72 -9.13 3.15
C ASN M 51 23.90 -10.63 3.34
N GLU M 52 25.15 -11.11 3.30
CA GLU M 52 25.44 -12.54 3.50
C GLU M 52 25.07 -12.99 4.90
N LEU M 53 25.27 -12.13 5.86
CA LEU M 53 25.00 -12.44 7.24
C LEU M 53 23.50 -12.55 7.48
N LYS M 54 22.72 -11.61 6.95
CA LYS M 54 21.25 -11.63 7.12
C LYS M 54 20.60 -12.83 6.47
N SER M 55 21.13 -13.21 5.32
CA SER M 55 20.68 -14.39 4.62
C SER M 55 20.85 -15.64 5.52
N LYS M 56 21.96 -15.71 6.24
CA LYS M 56 22.25 -16.84 7.10
C LYS M 56 21.38 -16.89 8.35
N VAL M 57 21.14 -15.74 8.96
CA VAL M 57 20.28 -15.69 10.13
C VAL M 57 18.92 -16.24 9.81
N VAL M 58 18.41 -15.88 8.62
CA VAL M 58 17.12 -16.37 8.13
C VAL M 58 17.07 -17.89 7.93
N LYS M 59 18.07 -18.44 7.25
CA LYS M 59 18.09 -19.88 6.94
C LYS M 59 18.25 -20.75 8.18
N THR M 60 19.09 -20.30 9.10
CA THR M 60 19.33 -21.05 10.32
C THR M 60 18.07 -21.03 11.20
N GLU M 61 17.35 -19.91 11.19
CA GLU M 61 16.14 -19.84 11.98
C GLU M 61 15.15 -20.82 11.38
N SER M 62 15.29 -21.05 10.08
CA SER M 62 14.45 -22.00 9.37
C SER M 62 14.81 -23.48 9.56
N GLU M 63 16.10 -23.80 9.48
CA GLU M 63 16.58 -25.18 9.62
C GLU M 63 16.17 -25.79 10.96
N LYS M 64 16.16 -24.93 11.99
CA LYS M 64 15.80 -25.32 13.34
C LYS M 64 14.36 -25.77 13.49
N LEU M 65 13.43 -24.99 12.91
CA LEU M 65 12.03 -25.34 13.00
C LEU M 65 11.75 -26.65 12.30
N GLN M 66 12.42 -26.90 11.17
CA GLN M 66 12.18 -28.19 10.51
C GLN M 66 12.75 -29.39 11.26
N ILE M 67 13.89 -29.25 11.93
CA ILE M 67 14.37 -30.41 12.68
C ILE M 67 13.41 -30.63 13.87
N LYS M 68 12.76 -29.56 14.34
CA LYS M 68 11.78 -29.69 15.42
C LYS M 68 10.55 -30.42 14.95
N ASN M 69 10.23 -30.26 13.67
CA ASN M 69 9.15 -31.00 13.03
C ASN M 69 9.48 -32.46 12.75
N GLN M 70 10.74 -32.76 12.44
CA GLN M 70 11.09 -34.14 12.17
C GLN M 70 11.03 -34.97 13.44
N LEU M 71 11.44 -34.35 14.53
CA LEU M 71 11.46 -34.99 15.82
C LEU M 71 10.05 -35.32 16.26
N GLU M 72 9.17 -34.35 16.05
CA GLU M 72 7.80 -34.50 16.51
C GLU M 72 7.18 -35.59 15.64
N GLU M 73 7.60 -35.68 14.39
CA GLU M 73 7.14 -36.76 13.52
C GLU M 73 7.53 -38.17 13.95
N VAL M 74 8.80 -38.36 14.34
CA VAL M 74 9.29 -39.69 14.67
C VAL M 74 8.62 -40.17 15.96
N LYS M 75 8.41 -39.25 16.88
CA LYS M 75 7.71 -39.60 18.12
C LYS M 75 6.30 -40.16 17.84
N LEU M 76 5.58 -39.57 16.89
CA LEU M 76 4.26 -40.07 16.50
C LEU M 76 4.35 -41.48 15.92
N GLU M 77 5.39 -41.74 15.14
CA GLU M 77 5.57 -43.05 14.55
C GLU M 77 5.81 -44.05 15.66
N LEU M 78 6.50 -43.61 16.69
CA LEU M 78 6.77 -44.42 17.88
C LEU M 78 5.47 -44.69 18.67
N ALA M 79 4.60 -43.71 18.78
CA ALA M 79 3.33 -43.89 19.51
C ALA M 79 2.24 -44.60 18.69
N GLY M 80 2.63 -45.40 17.71
CA GLY M 80 1.66 -46.14 16.93
C GLY M 80 1.48 -47.58 17.37
N ASN N 8 40.75 18.87 -12.88
CA ASN N 8 41.59 17.75 -13.28
C ASN N 8 42.12 16.96 -12.07
N HIS N 9 42.54 17.71 -11.06
CA HIS N 9 42.77 17.20 -9.70
C HIS N 9 41.55 17.55 -8.88
N VAL N 10 40.87 18.60 -9.32
CA VAL N 10 39.62 19.05 -8.72
C VAL N 10 38.50 18.08 -9.06
N GLU N 11 38.47 17.65 -10.32
CA GLU N 11 37.48 16.68 -10.76
C GLU N 11 37.72 15.36 -10.05
N ALA N 12 38.99 15.01 -9.90
CA ALA N 12 39.36 13.75 -9.29
C ALA N 12 38.88 13.69 -7.85
N GLU N 13 39.01 14.82 -7.12
CA GLU N 13 38.55 14.87 -5.74
C GLU N 13 37.02 14.90 -5.69
N ARG N 14 36.40 15.51 -6.71
CA ARG N 14 34.95 15.49 -6.75
C ARG N 14 34.44 14.07 -7.07
N GLN N 15 35.21 13.27 -7.81
CA GLN N 15 34.78 11.91 -8.14
C GLN N 15 34.81 11.00 -6.90
N ARG N 16 35.80 11.21 -6.04
CA ARG N 16 35.93 10.45 -4.80
C ARG N 16 34.83 10.77 -3.80
N ARG N 17 34.53 12.05 -3.68
CA ARG N 17 33.57 12.53 -2.70
C ARG N 17 32.18 12.05 -3.14
N GLU N 18 32.03 11.96 -4.44
CA GLU N 18 30.83 11.49 -5.07
C GLU N 18 30.65 10.02 -4.81
N LYS N 19 31.69 9.25 -5.08
CA LYS N 19 31.67 7.79 -4.90
C LYS N 19 31.38 7.31 -3.45
N LEU N 20 31.89 8.01 -2.45
CA LEU N 20 31.65 7.66 -1.07
C LEU N 20 30.21 7.87 -0.61
N ASN N 21 29.66 9.02 -0.97
CA ASN N 21 28.28 9.33 -0.59
C ASN N 21 27.34 8.28 -1.16
N GLN N 22 27.82 7.63 -2.19
CA GLN N 22 27.08 6.59 -2.83
C GLN N 22 27.03 5.39 -1.92
N ARG N 23 28.15 5.04 -1.32
CA ARG N 23 28.12 3.88 -0.42
C ARG N 23 27.44 4.20 0.90
N PHE N 24 27.56 5.44 1.36
CA PHE N 24 26.87 5.84 2.59
C PHE N 24 25.34 5.73 2.42
N TYR N 25 24.81 6.13 1.28
CA TYR N 25 23.36 6.00 1.06
C TYR N 25 22.89 4.55 0.98
N ALA N 26 23.67 3.70 0.30
CA ALA N 26 23.36 2.27 0.16
C ALA N 26 23.35 1.63 1.54
N LEU N 27 24.21 2.16 2.39
CA LEU N 27 24.34 1.69 3.73
C LEU N 27 23.02 1.85 4.47
N ARG N 28 22.40 3.01 4.26
CA ARG N 28 21.13 3.35 4.90
C ARG N 28 20.03 2.40 4.43
N ALA N 29 20.25 1.71 3.31
CA ALA N 29 19.26 0.75 2.79
C ALA N 29 19.39 -0.71 3.32
N VAL N 30 20.50 -1.06 3.97
CA VAL N 30 20.65 -2.45 4.46
C VAL N 30 20.61 -2.54 5.97
N VAL N 31 20.89 -1.42 6.64
CA VAL N 31 20.87 -1.30 8.09
C VAL N 31 19.51 -0.70 8.43
N PRO N 32 18.78 -1.32 9.38
CA PRO N 32 17.35 -1.05 9.53
C PRO N 32 16.80 0.28 10.13
N ASN N 33 17.12 0.68 11.37
CA ASN N 33 16.40 1.83 11.95
C ASN N 33 17.05 3.23 11.95
N VAL N 34 17.71 3.53 10.84
CA VAL N 34 18.40 4.80 10.58
C VAL N 34 18.06 5.13 9.11
N SER N 35 18.19 6.36 8.59
CA SER N 35 18.65 7.61 9.20
C SER N 35 17.94 8.77 8.47
N LYS N 36 17.79 9.99 9.03
CA LYS N 36 17.83 10.39 10.44
C LYS N 36 19.11 10.19 11.28
N MET N 37 20.29 10.40 10.70
CA MET N 37 21.57 10.18 11.41
C MET N 37 22.78 10.62 10.59
N ASP N 38 23.66 11.39 11.22
CA ASP N 38 24.92 11.85 10.62
C ASP N 38 25.82 10.66 10.28
N LYS N 39 26.87 10.93 9.52
CA LYS N 39 27.77 9.88 9.04
C LYS N 39 28.44 9.04 10.14
N ALA N 40 28.92 9.65 11.20
CA ALA N 40 29.57 8.85 12.23
C ALA N 40 28.59 7.90 12.92
N SER N 41 27.42 8.41 13.29
CA SER N 41 26.43 7.56 13.90
C SER N 41 25.97 6.46 12.93
N LEU N 42 25.95 6.75 11.64
CA LEU N 42 25.57 5.70 10.70
C LEU N 42 26.54 4.54 10.74
N LEU N 43 27.84 4.82 10.66
CA LEU N 43 28.82 3.76 10.69
C LEU N 43 28.82 3.02 12.04
N GLY N 44 28.69 3.78 13.13
CA GLY N 44 28.66 3.18 14.46
C GLY N 44 27.53 2.19 14.58
N ASP N 45 26.38 2.54 14.00
CA ASP N 45 25.20 1.69 14.11
C ASP N 45 25.33 0.44 13.23
N ALA N 46 26.03 0.56 12.10
CA ALA N 46 26.26 -0.59 11.21
C ALA N 46 27.12 -1.65 11.90
N ILE N 47 28.18 -1.20 12.58
CA ILE N 47 29.05 -2.08 13.33
C ILE N 47 28.23 -2.84 14.35
N ALA N 48 27.38 -2.10 15.07
CA ALA N 48 26.48 -2.69 16.05
C ALA N 48 25.57 -3.75 15.43
N TYR N 49 25.14 -3.48 14.19
CA TYR N 49 24.20 -4.37 13.51
C TYR N 49 24.88 -5.65 13.08
N ILE N 50 26.11 -5.54 12.60
CA ILE N 50 26.84 -6.73 12.20
C ILE N 50 27.06 -7.68 13.38
N ASN N 51 27.50 -7.14 14.52
CA ASN N 51 27.73 -7.95 15.71
C ASN N 51 26.46 -8.63 16.24
N GLU N 52 25.37 -7.88 16.34
CA GLU N 52 24.09 -8.41 16.84
C GLU N 52 23.63 -9.57 15.96
N LEU N 53 23.97 -9.45 14.70
CA LEU N 53 23.63 -10.43 13.70
C LEU N 53 24.47 -11.71 13.84
N LYS N 54 25.78 -11.54 14.08
CA LYS N 54 26.68 -12.68 14.31
C LYS N 54 26.33 -13.39 15.62
N SER N 55 25.98 -12.63 16.65
CA SER N 55 25.56 -13.24 17.92
C SER N 55 24.34 -14.13 17.78
N LYS N 56 23.37 -13.73 16.95
CA LYS N 56 22.17 -14.54 16.80
C LYS N 56 22.40 -15.81 16.00
N VAL N 57 23.20 -15.74 14.95
CA VAL N 57 23.46 -16.92 14.15
C VAL N 57 24.14 -18.01 15.00
N VAL N 58 25.05 -17.64 15.89
CA VAL N 58 25.61 -18.63 16.79
C VAL N 58 24.55 -19.16 17.77
N LYS N 59 23.75 -18.27 18.36
CA LYS N 59 22.80 -18.72 19.37
C LYS N 59 21.73 -19.68 18.81
N THR N 60 21.26 -19.46 17.58
CA THR N 60 20.26 -20.36 17.03
C THR N 60 20.95 -21.67 16.67
N GLU N 61 22.18 -21.60 16.19
CA GLU N 61 22.84 -22.86 15.85
C GLU N 61 23.22 -23.68 17.07
N SER N 62 23.40 -23.03 18.22
CA SER N 62 23.59 -23.79 19.44
C SER N 62 22.26 -24.40 19.91
N GLU N 63 21.20 -23.59 19.84
CA GLU N 63 19.87 -24.06 20.21
C GLU N 63 19.41 -25.20 19.29
N LYS N 64 19.83 -25.14 18.03
CA LYS N 64 19.47 -26.16 17.04
C LYS N 64 20.17 -27.50 17.32
N LEU N 65 21.43 -27.48 17.76
CA LEU N 65 22.16 -28.72 18.02
C LEU N 65 21.51 -29.56 19.13
N GLN N 66 20.97 -28.91 20.16
CA GLN N 66 20.40 -29.71 21.25
C GLN N 66 19.21 -30.53 20.79
N ILE N 67 18.34 -29.98 19.94
CA ILE N 67 17.21 -30.79 19.47
C ILE N 67 17.61 -31.79 18.37
N LYS N 68 18.63 -31.51 17.56
CA LYS N 68 18.99 -32.52 16.55
C LYS N 68 19.53 -33.86 17.11
N ASN N 69 20.29 -33.83 18.20
CA ASN N 69 20.72 -35.10 18.79
C ASN N 69 19.54 -35.81 19.48
N GLN N 70 18.52 -35.05 19.87
CA GLN N 70 17.29 -35.63 20.43
C GLN N 70 16.58 -36.42 19.32
N LEU N 71 16.70 -35.95 18.08
CA LEU N 71 16.13 -36.63 16.90
C LEU N 71 16.84 -37.98 16.73
N GLU N 72 18.15 -37.98 16.92
CA GLU N 72 18.94 -39.21 16.85
C GLU N 72 18.61 -40.17 17.98
N GLU N 73 18.24 -39.65 19.13
CA GLU N 73 17.89 -40.51 20.22
C GLU N 73 16.63 -41.32 19.86
N VAL N 74 15.61 -40.65 19.35
CA VAL N 74 14.33 -41.31 19.06
C VAL N 74 14.38 -42.22 17.82
N LYS N 75 15.16 -41.84 16.81
CA LYS N 75 15.32 -42.73 15.66
C LYS N 75 15.92 -44.09 16.04
N LEU N 76 16.95 -44.09 16.88
CA LEU N 76 17.60 -45.31 17.33
C LEU N 76 16.63 -46.20 18.04
N GLU N 77 15.79 -45.62 18.86
CA GLU N 77 14.77 -46.36 19.57
C GLU N 77 13.79 -46.97 18.58
N LEU N 78 13.46 -46.26 17.52
CA LEU N 78 12.51 -46.74 16.54
C LEU N 78 12.95 -48.02 15.90
N ALA N 79 14.23 -48.14 15.60
CA ALA N 79 14.71 -49.35 15.01
C ALA N 79 14.91 -50.27 16.19
N GLY N 80 13.83 -50.46 16.93
CA GLY N 80 13.80 -51.30 18.11
C GLY N 80 12.44 -51.92 18.37
#